data_4HOF
#
_entry.id   4HOF
#
_cell.length_a   37.931
_cell.length_b   66.662
_cell.length_c   75.417
_cell.angle_alpha   90.00
_cell.angle_beta   93.13
_cell.angle_gamma   90.00
#
_symmetry.space_group_name_H-M   'P 1 21 1'
#
loop_
_entity.id
_entity.type
_entity.pdbx_description
1 polymer 'Dihydrofolate reductase'
2 non-polymer 'NADPH DIHYDRO-NICOTINAMIDE-ADENINE-DINUCLEOTIDE PHOSPHATE'
3 non-polymer 5-[3-(2-methoxy-4-phenylphenyl)but-1-yn-1-yl]-6-methylpyrimidine-2,4-diamine
4 non-polymer GLYCINE
5 non-polymer GLYCEROL
6 water water
#
_entity_poly.entity_id   1
_entity_poly.type   'polypeptide(L)'
_entity_poly.pdbx_seq_one_letter_code
;MLKPNVAIIVAALKPALGIGYKGKMPWRLRKEIRYFKDVTTRTTKPNTRNAVIMGRKTWESIPQKFRPLPDRLNIILSRS
YENEIIDDNIIHASSIESSLNLVSDVERVFIIGGAEIYNELINNSLVSHLLITEIEHPSPESIEMDTFLKFPLESWTKQP
KSELQKFVGDTVLEDDIKEGDFTYNYTLWTRK
;
_entity_poly.pdbx_strand_id   A,B
#
loop_
_chem_comp.id
_chem_comp.type
_chem_comp.name
_chem_comp.formula
18H non-polymer 5-[3-(2-methoxy-4-phenylphenyl)but-1-yn-1-yl]-6-methylpyrimidine-2,4-diamine 'C22 H22 N4 O'
GOL non-polymer GLYCEROL 'C3 H8 O3'
NDP non-polymer 'NADPH DIHYDRO-NICOTINAMIDE-ADENINE-DINUCLEOTIDE PHOSPHATE' 'C21 H30 N7 O17 P3'
#
# COMPACT_ATOMS: atom_id res chain seq x y z
N MET A 1 -4.70 10.14 -13.10
CA MET A 1 -4.18 9.01 -12.27
C MET A 1 -4.52 9.29 -10.80
N LEU A 2 -5.24 8.36 -10.16
CA LEU A 2 -5.64 8.52 -8.77
C LEU A 2 -4.85 7.59 -7.85
N LYS A 3 -4.27 8.15 -6.79
CA LYS A 3 -3.50 7.39 -5.79
C LYS A 3 -2.56 6.34 -6.39
N PRO A 4 -1.67 6.76 -7.30
CA PRO A 4 -0.73 5.82 -7.92
C PRO A 4 0.21 5.23 -6.87
N ASN A 5 0.57 3.96 -7.03
CA ASN A 5 1.69 3.41 -6.27
C ASN A 5 2.96 3.97 -6.86
N VAL A 6 3.83 4.48 -5.99
CA VAL A 6 5.02 5.22 -6.42
C VAL A 6 6.28 4.51 -5.94
N ALA A 7 7.31 4.49 -6.78
CA ALA A 7 8.60 3.93 -6.41
C ALA A 7 9.66 5.01 -6.33
N ILE A 8 10.45 5.03 -5.25
CA ILE A 8 11.67 5.83 -5.21
C ILE A 8 12.76 4.99 -5.86
N ILE A 9 13.52 5.61 -6.78
CA ILE A 9 14.72 4.96 -7.33
C ILE A 9 15.93 5.87 -7.12
N VAL A 10 16.99 5.30 -6.54
CA VAL A 10 18.14 6.08 -6.09
C VAL A 10 19.38 5.18 -6.02
N ALA A 11 20.55 5.79 -6.19
CA ALA A 11 21.83 5.12 -5.93
C ALA A 11 22.53 5.83 -4.77
N ALA A 12 22.87 5.07 -3.72
CA ALA A 12 23.44 5.67 -2.52
C ALA A 12 24.64 4.91 -1.99
N LEU A 13 25.59 5.65 -1.41
CA LEU A 13 26.83 5.06 -0.87
C LEU A 13 26.68 4.74 0.61
N LYS A 14 26.81 3.46 0.93
CA LYS A 14 26.75 2.99 2.32
C LYS A 14 28.03 3.36 3.09
N PRO A 15 27.95 3.48 4.43
CA PRO A 15 26.76 3.31 5.27
C PRO A 15 25.89 4.57 5.42
N ALA A 16 26.43 5.73 5.05
CA ALA A 16 25.77 7.02 5.30
C ALA A 16 24.64 7.36 4.32
N LEU A 17 24.57 6.62 3.22
CA LEU A 17 23.63 6.90 2.12
C LEU A 17 23.82 8.28 1.49
N GLY A 18 25.07 8.62 1.22
CA GLY A 18 25.38 9.84 0.48
C GLY A 18 24.95 9.68 -0.96
N ILE A 19 24.39 10.73 -1.55
CA ILE A 19 23.90 10.66 -2.92
C ILE A 19 24.41 11.79 -3.82
N GLY A 20 25.07 12.79 -3.23
CA GLY A 20 25.49 13.96 -4.01
C GLY A 20 26.56 14.84 -3.40
N TYR A 21 27.16 15.67 -4.25
CA TYR A 21 28.16 16.64 -3.81
C TYR A 21 28.08 17.90 -4.65
N LYS A 22 27.80 19.01 -3.98
CA LYS A 22 27.66 20.33 -4.62
C LYS A 22 26.86 20.27 -5.92
N GLY A 23 25.68 19.64 -5.85
CA GLY A 23 24.74 19.60 -6.97
C GLY A 23 25.00 18.55 -8.03
N LYS A 24 26.04 17.74 -7.84
CA LYS A 24 26.39 16.70 -8.80
C LYS A 24 26.41 15.33 -8.13
N MET A 25 26.38 14.27 -8.94
CA MET A 25 26.58 12.93 -8.42
C MET A 25 28.07 12.70 -8.17
N PRO A 26 28.39 11.96 -7.08
CA PRO A 26 29.78 11.76 -6.65
C PRO A 26 30.49 10.62 -7.39
N TRP A 27 29.84 10.05 -8.40
CA TRP A 27 30.38 8.94 -9.17
C TRP A 27 29.77 8.91 -10.53
N ARG A 28 30.37 8.15 -11.43
CA ARG A 28 29.76 7.83 -12.70
C ARG A 28 29.87 6.32 -12.87
N LEU A 29 28.74 5.65 -12.70
CA LEU A 29 28.70 4.20 -12.76
C LEU A 29 27.90 3.82 -13.99
N ARG A 30 28.59 3.41 -15.05
CA ARG A 30 27.95 3.22 -16.34
C ARG A 30 26.85 2.19 -16.35
N LYS A 31 27.07 1.05 -15.69
CA LYS A 31 26.05 0.02 -15.67
C LYS A 31 24.85 0.47 -14.86
N GLU A 32 25.11 1.21 -13.78
CA GLU A 32 24.06 1.71 -12.90
C GLU A 32 23.15 2.68 -13.66
N ILE A 33 23.77 3.57 -14.44
CA ILE A 33 23.05 4.53 -15.27
C ILE A 33 22.16 3.81 -16.29
N ARG A 34 22.65 2.71 -16.87
CA ARG A 34 21.88 1.91 -17.83
C ARG A 34 20.71 1.22 -17.13
N TYR A 35 20.95 0.73 -15.91
CA TYR A 35 19.91 0.11 -15.09
C TYR A 35 18.78 1.10 -14.85
N PHE A 36 19.16 2.30 -14.37
CA PHE A 36 18.19 3.37 -14.17
C PHE A 36 17.36 3.63 -15.43
N LYS A 37 18.03 3.77 -16.58
CA LYS A 37 17.34 3.96 -17.86
C LYS A 37 16.35 2.83 -18.13
N ASP A 38 16.82 1.59 -18.02
CA ASP A 38 16.01 0.43 -18.38
C ASP A 38 14.78 0.24 -17.48
N VAL A 39 14.99 0.38 -16.17
CA VAL A 39 13.93 0.19 -15.17
C VAL A 39 12.88 1.31 -15.27
N THR A 40 13.31 2.55 -15.39
CA THR A 40 12.33 3.65 -15.49
C THR A 40 11.59 3.67 -16.83
N THR A 41 12.20 3.09 -17.87
CA THR A 41 11.60 3.12 -19.22
C THR A 41 10.64 1.95 -19.45
N ARG A 42 11.04 0.76 -19.01
CA ARG A 42 10.29 -0.48 -19.28
C ARG A 42 8.84 -0.46 -18.78
N THR A 43 7.93 -0.89 -19.65
CA THR A 43 6.55 -1.12 -19.26
C THR A 43 6.18 -2.59 -19.49
N THR A 44 5.19 -3.08 -18.74
CA THR A 44 4.82 -4.50 -18.79
C THR A 44 3.69 -4.77 -19.79
N LYS A 45 2.93 -3.72 -20.09
CA LYS A 45 1.85 -3.79 -21.07
C LYS A 45 2.10 -2.78 -22.19
N PRO A 46 1.61 -3.09 -23.42
CA PRO A 46 1.82 -2.18 -24.56
C PRO A 46 1.04 -0.87 -24.43
N ASN A 47 1.50 0.16 -25.15
CA ASN A 47 0.82 1.46 -25.26
C ASN A 47 0.64 2.21 -23.93
N THR A 48 1.62 2.08 -23.05
CA THR A 48 1.76 2.90 -21.85
C THR A 48 3.20 3.39 -21.75
N ARG A 49 3.44 4.27 -20.79
CA ARG A 49 4.78 4.72 -20.44
C ARG A 49 4.82 4.94 -18.94
N ASN A 50 6.02 5.14 -18.41
CA ASN A 50 6.15 5.48 -17.00
C ASN A 50 6.37 6.97 -16.83
N ALA A 51 6.08 7.45 -15.62
CA ALA A 51 6.37 8.80 -15.24
C ALA A 51 7.62 8.85 -14.36
N VAL A 52 8.47 9.84 -14.58
CA VAL A 52 9.59 10.12 -13.69
C VAL A 52 9.37 11.50 -13.09
N ILE A 53 9.44 11.58 -11.77
CA ILE A 53 9.18 12.82 -11.04
C ILE A 53 10.45 13.26 -10.33
N MET A 54 10.79 14.54 -10.48
CA MET A 54 12.01 15.06 -9.88
C MET A 54 11.87 16.50 -9.41
N GLY A 55 12.78 16.90 -8.52
CA GLY A 55 12.86 18.27 -8.06
C GLY A 55 13.48 19.15 -9.12
N ARG A 56 13.24 20.45 -9.02
CA ARG A 56 13.70 21.41 -10.00
C ARG A 56 15.22 21.39 -10.15
N LYS A 57 15.93 21.25 -9.03
CA LYS A 57 17.40 21.24 -9.07
C LYS A 57 17.95 20.05 -9.85
N THR A 58 17.36 18.86 -9.64
CA THR A 58 17.80 17.68 -10.37
C THR A 58 17.54 17.84 -11.87
N TRP A 59 16.36 18.34 -12.24
CA TRP A 59 16.05 18.62 -13.64
C TRP A 59 17.10 19.51 -14.28
N GLU A 60 17.47 20.58 -13.58
CA GLU A 60 18.46 21.53 -14.09
C GLU A 60 19.86 20.93 -14.22
N SER A 61 20.12 19.87 -13.47
CA SER A 61 21.44 19.22 -13.51
CA SER A 61 21.43 19.20 -13.48
C SER A 61 21.57 18.21 -14.64
N ILE A 62 20.46 17.93 -15.33
CA ILE A 62 20.51 17.16 -16.56
C ILE A 62 20.85 18.17 -17.67
N PRO A 63 21.92 17.92 -18.44
CA PRO A 63 22.24 18.87 -19.51
C PRO A 63 21.03 19.10 -20.42
N GLN A 64 20.79 20.36 -20.81
CA GLN A 64 19.55 20.73 -21.48
C GLN A 64 19.26 19.92 -22.75
N LYS A 65 20.31 19.46 -23.44
CA LYS A 65 20.14 18.64 -24.65
C LYS A 65 19.66 17.23 -24.36
N PHE A 66 19.78 16.81 -23.11
CA PHE A 66 19.47 15.44 -22.70
C PHE A 66 18.24 15.32 -21.83
N ARG A 67 17.50 16.43 -21.71
CA ARG A 67 16.20 16.42 -21.07
C ARG A 67 15.17 16.91 -22.09
N PRO A 68 13.93 16.41 -22.00
CA PRO A 68 13.46 15.42 -21.02
C PRO A 68 14.06 14.04 -21.25
N LEU A 69 14.15 13.24 -20.19
CA LEU A 69 14.62 11.86 -20.33
C LEU A 69 13.68 11.13 -21.29
N PRO A 70 14.22 10.59 -22.39
CA PRO A 70 13.35 10.06 -23.45
C PRO A 70 12.48 8.89 -23.01
N ASP A 71 11.30 8.78 -23.64
CA ASP A 71 10.41 7.62 -23.50
C ASP A 71 9.65 7.57 -22.18
N ARG A 72 9.81 8.60 -21.35
CA ARG A 72 9.11 8.70 -20.07
C ARG A 72 8.43 10.07 -19.96
N LEU A 73 7.32 10.11 -19.24
CA LEU A 73 6.71 11.39 -18.94
C LEU A 73 7.53 12.02 -17.82
N ASN A 74 8.12 13.19 -18.06
CA ASN A 74 8.93 13.89 -17.06
C ASN A 74 8.09 14.90 -16.30
N ILE A 75 8.13 14.85 -14.98
CA ILE A 75 7.38 15.78 -14.15
C ILE A 75 8.37 16.50 -13.25
N ILE A 76 8.34 17.83 -13.25
CA ILE A 76 9.27 18.63 -12.47
C ILE A 76 8.51 19.41 -11.40
N LEU A 77 8.96 19.30 -10.15
CA LEU A 77 8.33 20.01 -9.03
C LEU A 77 9.15 21.22 -8.60
N SER A 78 8.47 22.36 -8.51
CA SER A 78 9.05 23.57 -7.96
C SER A 78 7.97 24.23 -7.12
N ARG A 79 8.38 24.93 -6.07
CA ARG A 79 7.40 25.67 -5.26
C ARG A 79 6.87 26.88 -6.03
N SER A 80 7.56 27.25 -7.11
CA SER A 80 7.16 28.37 -7.96
C SER A 80 6.28 27.97 -9.13
N TYR A 81 6.08 26.66 -9.33
CA TYR A 81 5.30 26.20 -10.47
C TYR A 81 3.83 26.07 -10.17
N GLU A 82 3.01 26.77 -10.95
CA GLU A 82 1.60 26.41 -11.06
C GLU A 82 1.52 25.18 -11.97
N ASN A 83 0.40 24.48 -11.94
CA ASN A 83 0.22 23.33 -12.84
C ASN A 83 0.27 23.78 -14.29
N GLU A 84 1.14 23.15 -15.06
CA GLU A 84 1.21 23.42 -16.49
C GLU A 84 1.70 22.20 -17.25
N ILE A 85 0.95 21.82 -18.28
CA ILE A 85 1.42 20.81 -19.22
C ILE A 85 2.28 21.55 -20.25
N ILE A 86 3.59 21.34 -20.20
CA ILE A 86 4.49 22.04 -21.12
C ILE A 86 4.36 21.42 -22.50
N ASP A 87 4.61 20.11 -22.58
CA ASP A 87 4.33 19.35 -23.80
C ASP A 87 3.95 17.92 -23.40
N ASP A 88 3.91 16.99 -24.36
CA ASP A 88 3.48 15.64 -24.04
C ASP A 88 4.46 14.90 -23.13
N ASN A 89 5.68 15.42 -23.01
CA ASN A 89 6.73 14.78 -22.22
C ASN A 89 7.12 15.51 -20.93
N ILE A 90 6.56 16.70 -20.73
CA ILE A 90 6.97 17.57 -19.61
C ILE A 90 5.76 18.21 -18.93
N ILE A 91 5.66 17.98 -17.61
CA ILE A 91 4.65 18.61 -16.77
C ILE A 91 5.33 19.37 -15.64
N HIS A 92 4.82 20.57 -15.37
CA HIS A 92 5.24 21.34 -14.20
C HIS A 92 4.15 21.28 -13.15
N ALA A 93 4.56 21.12 -11.90
CA ALA A 93 3.60 21.05 -10.78
C ALA A 93 4.26 21.39 -9.47
N SER A 94 3.49 21.38 -8.39
CA SER A 94 4.01 21.64 -7.04
C SER A 94 3.73 20.52 -6.02
N SER A 95 3.08 19.46 -6.47
CA SER A 95 2.97 18.21 -5.71
C SER A 95 2.90 17.02 -6.66
N ILE A 96 3.32 15.84 -6.20
CA ILE A 96 3.26 14.64 -7.04
C ILE A 96 1.81 14.27 -7.37
N GLU A 97 0.91 14.33 -6.38
CA GLU A 97 -0.48 13.95 -6.60
C GLU A 97 -1.22 14.85 -7.57
N SER A 98 -1.03 16.16 -7.43
CA SER A 98 -1.68 17.08 -8.35
C SER A 98 -1.11 16.92 -9.77
N SER A 99 0.20 16.69 -9.86
CA SER A 99 0.86 16.51 -11.16
C SER A 99 0.31 15.33 -11.95
N LEU A 100 -0.17 14.32 -11.25
CA LEU A 100 -0.65 13.09 -11.89
C LEU A 100 -2.17 13.08 -12.14
N ASN A 101 -2.85 14.15 -11.73
CA ASN A 101 -4.32 14.23 -11.81
C ASN A 101 -4.97 14.07 -13.20
N LEU A 102 -4.43 14.73 -14.22
CA LEU A 102 -4.98 14.61 -15.57
C LEU A 102 -4.17 13.64 -16.44
N VAL A 103 -3.16 13.00 -15.81
CA VAL A 103 -2.31 12.03 -16.48
C VAL A 103 -3.02 10.70 -16.67
N SER A 104 -3.00 10.19 -17.89
CA SER A 104 -3.52 8.85 -18.19
C SER A 104 -2.49 8.06 -19.01
N ASP A 105 -2.71 6.75 -19.13
CA ASP A 105 -1.81 5.85 -19.89
C ASP A 105 -0.37 5.85 -19.35
N VAL A 106 -0.26 6.04 -18.04
CA VAL A 106 1.00 5.86 -17.33
C VAL A 106 0.91 4.62 -16.47
N GLU A 107 1.93 3.76 -16.56
CA GLU A 107 1.95 2.54 -15.79
C GLU A 107 2.57 2.77 -14.42
N ARG A 108 3.90 2.87 -14.38
CA ARG A 108 4.61 3.07 -13.13
C ARG A 108 5.03 4.53 -12.94
N VAL A 109 5.16 4.94 -11.68
CA VAL A 109 5.60 6.29 -11.33
C VAL A 109 6.85 6.19 -10.47
N PHE A 110 7.92 6.83 -10.93
CA PHE A 110 9.21 6.79 -10.23
C PHE A 110 9.60 8.18 -9.75
N ILE A 111 10.09 8.27 -8.52
CA ILE A 111 10.74 9.46 -8.02
C ILE A 111 12.24 9.31 -8.24
N ILE A 112 12.82 10.22 -9.01
CA ILE A 112 14.20 10.05 -9.44
C ILE A 112 15.18 11.08 -8.89
N GLY A 113 14.75 11.90 -7.93
CA GLY A 113 15.66 12.80 -7.23
C GLY A 113 15.12 14.21 -7.07
N GLY A 114 15.81 15.07 -6.33
CA GLY A 114 17.06 14.74 -5.64
C GLY A 114 16.82 14.58 -4.15
N ALA A 115 17.83 14.95 -3.36
CA ALA A 115 17.82 14.71 -1.91
C ALA A 115 16.59 15.28 -1.20
N GLU A 116 16.27 16.54 -1.46
CA GLU A 116 15.13 17.18 -0.79
C GLU A 116 13.83 16.43 -1.10
N ILE A 117 13.62 16.14 -2.38
CA ILE A 117 12.45 15.41 -2.83
C ILE A 117 12.38 14.00 -2.21
N TYR A 118 13.48 13.27 -2.26
CA TYR A 118 13.55 11.94 -1.63
C TYR A 118 13.19 12.00 -0.14
N ASN A 119 13.77 12.98 0.55
CA ASN A 119 13.62 13.06 2.00
C ASN A 119 12.24 13.48 2.47
N GLU A 120 11.48 14.14 1.60
CA GLU A 120 10.07 14.39 1.84
C GLU A 120 9.26 13.14 1.54
N LEU A 121 9.42 12.61 0.34
CA LEU A 121 8.53 11.58 -0.18
C LEU A 121 8.71 10.20 0.46
N ILE A 122 9.84 9.96 1.13
CA ILE A 122 10.02 8.74 1.91
C ILE A 122 8.91 8.60 2.97
N ASN A 123 8.35 9.72 3.40
CA ASN A 123 7.26 9.75 4.39
C ASN A 123 5.91 10.07 3.77
N ASN A 124 5.79 9.78 2.47
CA ASN A 124 4.53 9.86 1.75
C ASN A 124 4.04 8.45 1.51
N SER A 125 2.84 8.14 2.01
CA SER A 125 2.30 6.77 1.93
C SER A 125 2.01 6.27 0.52
N LEU A 126 2.02 7.16 -0.47
CA LEU A 126 1.94 6.74 -1.88
C LEU A 126 3.16 5.95 -2.31
N VAL A 127 4.29 6.23 -1.68
CA VAL A 127 5.52 5.51 -1.99
C VAL A 127 5.45 4.13 -1.35
N SER A 128 5.41 3.10 -2.19
CA SER A 128 5.28 1.72 -1.76
C SER A 128 6.57 0.92 -1.95
N HIS A 129 7.47 1.45 -2.78
CA HIS A 129 8.68 0.74 -3.17
C HIS A 129 9.89 1.62 -3.16
N LEU A 130 11.01 1.09 -2.68
CA LEU A 130 12.30 1.74 -2.85
C LEU A 130 13.19 0.84 -3.67
N LEU A 131 13.69 1.38 -4.77
CA LEU A 131 14.70 0.71 -5.56
C LEU A 131 16.01 1.40 -5.25
N ILE A 132 16.78 0.82 -4.33
CA ILE A 132 18.02 1.43 -3.85
C ILE A 132 19.21 0.66 -4.40
N THR A 133 20.05 1.34 -5.17
CA THR A 133 21.32 0.75 -5.56
C THR A 133 22.28 1.02 -4.40
N GLU A 134 22.66 -0.04 -3.70
CA GLU A 134 23.54 0.05 -2.55
C GLU A 134 24.99 0.00 -3.01
N ILE A 135 25.68 1.13 -2.89
CA ILE A 135 27.07 1.26 -3.31
C ILE A 135 27.99 1.15 -2.10
N GLU A 136 29.08 0.39 -2.27
CA GLU A 136 30.12 0.27 -1.24
C GLU A 136 31.48 0.69 -1.81
N HIS A 137 32.34 1.18 -0.92
CA HIS A 137 33.68 1.65 -1.27
C HIS A 137 34.56 1.31 -0.09
N PRO A 138 35.83 0.91 -0.35
CA PRO A 138 36.73 0.57 0.76
C PRO A 138 36.96 1.72 1.74
N SER A 139 36.94 2.95 1.25
CA SER A 139 37.12 4.13 2.08
C SER A 139 36.06 5.19 1.76
N PRO A 140 34.81 4.97 2.22
CA PRO A 140 33.69 5.85 1.83
C PRO A 140 33.84 7.30 2.30
N GLU A 141 34.52 7.49 3.44
CA GLU A 141 34.74 8.84 3.98
C GLU A 141 35.65 9.70 3.10
N SER A 142 36.36 9.06 2.16
CA SER A 142 37.26 9.77 1.23
C SER A 142 36.55 10.34 0.01
N ILE A 143 35.31 9.91 -0.23
CA ILE A 143 34.51 10.46 -1.32
C ILE A 143 33.81 11.72 -0.84
N GLU A 144 34.08 12.84 -1.51
CA GLU A 144 33.45 14.12 -1.17
C GLU A 144 31.94 14.00 -1.29
N MET A 145 31.26 14.37 -0.22
CA MET A 145 29.83 14.13 -0.06
C MET A 145 29.24 15.17 0.88
N ASP A 146 28.15 15.79 0.48
CA ASP A 146 27.47 16.76 1.32
C ASP A 146 25.95 16.62 1.28
N THR A 147 25.48 15.55 0.65
CA THR A 147 24.05 15.37 0.40
C THR A 147 23.69 13.91 0.67
N PHE A 148 22.73 13.70 1.57
CA PHE A 148 22.46 12.38 2.13
C PHE A 148 20.98 12.08 2.18
N LEU A 149 20.65 10.80 2.03
CA LEU A 149 19.28 10.35 2.29
C LEU A 149 19.04 10.31 3.78
N LYS A 150 17.82 10.65 4.18
CA LYS A 150 17.35 10.45 5.54
C LYS A 150 16.18 9.48 5.43
N PHE A 151 16.51 8.19 5.35
CA PHE A 151 15.52 7.14 5.12
C PHE A 151 15.39 6.29 6.36
N PRO A 152 14.20 6.28 7.00
CA PRO A 152 13.97 5.44 8.16
C PRO A 152 13.68 3.99 7.75
N LEU A 153 14.72 3.27 7.36
CA LEU A 153 14.57 1.93 6.78
C LEU A 153 14.09 0.86 7.76
N GLU A 154 14.04 1.19 9.06
CA GLU A 154 13.47 0.30 10.08
C GLU A 154 12.01 -0.01 9.81
N SER A 155 11.35 0.89 9.07
CA SER A 155 9.94 0.78 8.71
C SER A 155 9.80 0.06 7.38
N TRP A 156 10.92 -0.37 6.82
CA TRP A 156 10.95 -1.00 5.51
C TRP A 156 11.52 -2.39 5.57
N THR A 157 11.19 -3.20 4.57
CA THR A 157 11.71 -4.56 4.46
C THR A 157 12.41 -4.73 3.12
N LYS A 158 13.70 -5.06 3.16
CA LYS A 158 14.45 -5.40 1.95
C LYS A 158 13.97 -6.76 1.46
N GLN A 159 13.51 -6.80 0.22
CA GLN A 159 12.90 -8.00 -0.34
C GLN A 159 13.98 -8.93 -0.93
N PRO A 160 13.68 -10.24 -1.05
CA PRO A 160 14.66 -11.10 -1.70
C PRO A 160 14.84 -10.75 -3.17
N LYS A 161 15.93 -11.21 -3.77
CA LYS A 161 16.19 -10.90 -5.18
C LYS A 161 15.03 -11.28 -6.11
N SER A 162 14.36 -12.39 -5.80
CA SER A 162 13.22 -12.83 -6.61
C SER A 162 12.13 -11.76 -6.76
N GLU A 163 11.93 -10.96 -5.72
CA GLU A 163 10.96 -9.88 -5.79
C GLU A 163 11.44 -8.74 -6.69
N LEU A 164 12.73 -8.41 -6.59
CA LEU A 164 13.32 -7.39 -7.46
C LEU A 164 13.30 -7.86 -8.91
N GLN A 165 13.65 -9.12 -9.14
CA GLN A 165 13.62 -9.69 -10.49
C GLN A 165 12.22 -9.60 -11.09
N LYS A 166 11.20 -9.95 -10.30
CA LYS A 166 9.82 -9.85 -10.76
C LYS A 166 9.47 -8.41 -11.15
N PHE A 167 9.96 -7.46 -10.36
CA PHE A 167 9.66 -6.06 -10.57
C PHE A 167 10.25 -5.56 -11.89
N VAL A 168 11.49 -5.97 -12.17
CA VAL A 168 12.22 -5.47 -13.34
C VAL A 168 12.04 -6.32 -14.61
N GLY A 169 11.27 -7.40 -14.50
CA GLY A 169 11.04 -8.30 -15.63
C GLY A 169 12.31 -9.02 -16.06
N ASP A 170 12.61 -8.97 -17.35
CA ASP A 170 13.77 -9.68 -17.89
C ASP A 170 15.09 -8.89 -17.81
N THR A 171 15.07 -7.74 -17.13
CA THR A 171 16.28 -6.97 -16.88
C THR A 171 17.31 -7.82 -16.13
N VAL A 172 18.51 -7.91 -16.69
CA VAL A 172 19.60 -8.67 -16.11
C VAL A 172 20.16 -8.00 -14.87
N LEU A 173 20.14 -8.73 -13.75
CA LEU A 173 20.63 -8.22 -12.47
C LEU A 173 21.92 -8.94 -12.09
N GLU A 174 23.04 -8.26 -12.31
CA GLU A 174 24.34 -8.80 -11.92
C GLU A 174 24.66 -8.42 -10.48
N ASP A 175 25.31 -9.34 -9.77
CA ASP A 175 25.64 -9.14 -8.37
C ASP A 175 27.05 -8.59 -8.22
N ASP A 176 27.24 -7.77 -7.18
CA ASP A 176 28.52 -7.17 -6.83
C ASP A 176 29.25 -6.57 -8.02
N ILE A 177 28.55 -5.67 -8.71
CA ILE A 177 29.08 -4.98 -9.88
C ILE A 177 30.18 -4.01 -9.46
N LYS A 178 31.34 -4.13 -10.11
CA LYS A 178 32.52 -3.33 -9.79
C LYS A 178 32.87 -2.35 -10.89
N GLU A 179 32.97 -1.08 -10.53
CA GLU A 179 33.45 -0.02 -11.42
C GLU A 179 34.41 0.87 -10.62
N GLY A 180 35.67 0.91 -11.05
CA GLY A 180 36.71 1.57 -10.28
C GLY A 180 36.77 0.94 -8.90
N ASP A 181 36.74 1.78 -7.86
CA ASP A 181 36.75 1.28 -6.48
C ASP A 181 35.36 1.10 -5.87
N PHE A 182 34.31 1.27 -6.68
CA PHE A 182 32.94 1.08 -6.21
C PHE A 182 32.41 -0.32 -6.53
N THR A 183 31.72 -0.91 -5.55
CA THR A 183 30.99 -2.17 -5.72
C THR A 183 29.51 -1.96 -5.37
N TYR A 184 28.62 -2.47 -6.22
CA TYR A 184 27.18 -2.22 -6.00
C TYR A 184 26.21 -3.34 -6.30
N ASN A 185 25.05 -3.25 -5.65
CA ASN A 185 23.97 -4.20 -5.82
C ASN A 185 22.62 -3.48 -5.88
N TYR A 186 21.73 -4.01 -6.70
CA TYR A 186 20.38 -3.51 -6.83
C TYR A 186 19.49 -4.15 -5.77
N THR A 187 18.70 -3.34 -5.06
CA THR A 187 17.81 -3.82 -4.02
C THR A 187 16.40 -3.29 -4.17
N LEU A 188 15.45 -3.98 -3.55
CA LEU A 188 14.05 -3.57 -3.54
C LEU A 188 13.52 -3.66 -2.11
N TRP A 189 12.85 -2.59 -1.69
CA TRP A 189 12.30 -2.48 -0.32
C TRP A 189 10.84 -2.15 -0.39
N THR A 190 10.06 -2.72 0.53
CA THR A 190 8.64 -2.39 0.64
C THR A 190 8.32 -2.01 2.09
N ARG A 191 7.16 -1.40 2.33
CA ARG A 191 6.77 -0.99 3.69
C ARG A 191 6.37 -2.20 4.53
N LYS A 192 6.74 -2.20 5.81
CA LYS A 192 6.25 -3.23 6.74
C LYS A 192 4.72 -3.17 6.90
N MET B 1 4.89 9.83 9.96
CA MET B 1 3.93 9.72 8.82
C MET B 1 2.55 9.32 9.38
N LEU B 2 1.52 10.10 9.04
CA LEU B 2 0.17 9.79 9.52
C LEU B 2 -0.33 8.50 8.89
N LYS B 3 -0.96 7.66 9.71
CA LYS B 3 -1.42 6.34 9.27
C LYS B 3 -2.90 6.16 9.57
N PRO B 4 -3.60 5.36 8.75
CA PRO B 4 -4.99 5.05 9.10
C PRO B 4 -5.08 4.07 10.27
N ASN B 5 -6.26 4.01 10.89
CA ASN B 5 -6.52 3.06 11.94
C ASN B 5 -7.38 1.95 11.36
N VAL B 6 -6.78 0.77 11.23
CA VAL B 6 -7.30 -0.31 10.39
C VAL B 6 -7.53 -1.56 11.24
N ALA B 7 -8.70 -2.15 11.07
CA ALA B 7 -9.07 -3.38 11.74
C ALA B 7 -9.66 -4.37 10.74
N ILE B 8 -9.32 -5.65 10.92
CA ILE B 8 -9.99 -6.74 10.21
C ILE B 8 -11.24 -7.09 11.04
N ILE B 9 -12.38 -7.25 10.38
CA ILE B 9 -13.60 -7.71 11.05
C ILE B 9 -14.18 -8.91 10.29
N VAL B 10 -14.47 -9.98 11.02
CA VAL B 10 -14.85 -11.26 10.42
C VAL B 10 -15.64 -12.08 11.44
N ALA B 11 -16.51 -12.96 10.94
CA ALA B 11 -17.17 -13.96 11.77
C ALA B 11 -16.74 -15.33 11.26
N ALA B 12 -16.23 -16.17 12.16
CA ALA B 12 -15.65 -17.46 11.78
C ALA B 12 -16.10 -18.59 12.69
N LEU B 13 -16.22 -19.78 12.10
CA LEU B 13 -16.66 -20.96 12.84
C LEU B 13 -15.47 -21.74 13.38
N LYS B 14 -15.45 -21.94 14.70
CA LYS B 14 -14.38 -22.70 15.34
C LYS B 14 -14.64 -24.20 15.16
N PRO B 15 -13.56 -25.02 15.17
CA PRO B 15 -12.16 -24.64 15.34
C PRO B 15 -11.42 -24.27 14.05
N ALA B 16 -11.95 -24.67 12.89
CA ALA B 16 -11.29 -24.51 11.60
C ALA B 16 -11.21 -23.06 11.11
N LEU B 17 -12.06 -22.20 11.67
CA LEU B 17 -12.18 -20.79 11.26
C LEU B 17 -12.68 -20.65 9.82
N GLY B 18 -13.70 -21.44 9.50
CA GLY B 18 -14.40 -21.33 8.22
C GLY B 18 -15.24 -20.07 8.16
N ILE B 19 -15.25 -19.43 7.00
CA ILE B 19 -15.96 -18.15 6.84
C ILE B 19 -16.92 -18.11 5.63
N GLY B 20 -16.84 -19.13 4.77
CA GLY B 20 -17.67 -19.13 3.58
C GLY B 20 -17.75 -20.43 2.81
N TYR B 21 -18.78 -20.51 1.98
CA TYR B 21 -19.00 -21.65 1.11
C TYR B 21 -19.64 -21.18 -0.21
N LYS B 22 -18.97 -21.50 -1.31
CA LYS B 22 -19.42 -21.14 -2.66
C LYS B 22 -19.81 -19.67 -2.80
N GLY B 23 -18.94 -18.79 -2.32
CA GLY B 23 -19.12 -17.35 -2.47
C GLY B 23 -20.14 -16.70 -1.55
N LYS B 24 -20.74 -17.49 -0.66
CA LYS B 24 -21.73 -16.99 0.30
C LYS B 24 -21.29 -17.34 1.72
N MET B 25 -21.92 -16.71 2.70
CA MET B 25 -21.67 -17.04 4.10
C MET B 25 -22.44 -18.30 4.49
N PRO B 26 -21.91 -19.08 5.45
CA PRO B 26 -22.54 -20.35 5.81
C PRO B 26 -23.65 -20.21 6.86
N TRP B 27 -24.02 -18.96 7.17
CA TRP B 27 -25.04 -18.66 8.19
C TRP B 27 -25.65 -17.31 7.96
N ARG B 28 -26.81 -17.10 8.57
CA ARG B 28 -27.45 -15.81 8.65
C ARG B 28 -27.72 -15.59 10.12
N LEU B 29 -26.93 -14.72 10.75
CA LEU B 29 -27.04 -14.49 12.20
C LEU B 29 -27.50 -13.06 12.48
N ARG B 30 -28.73 -12.93 12.97
CA ARG B 30 -29.39 -11.63 13.13
C ARG B 30 -28.60 -10.64 14.00
N LYS B 31 -28.22 -11.04 15.21
CA LYS B 31 -27.52 -10.11 16.09
C LYS B 31 -26.12 -9.81 15.56
N GLU B 32 -25.46 -10.82 15.00
CA GLU B 32 -24.12 -10.64 14.44
C GLU B 32 -24.12 -9.61 13.31
N ILE B 33 -25.13 -9.69 12.44
CA ILE B 33 -25.27 -8.75 11.32
C ILE B 33 -25.42 -7.33 11.84
N ARG B 34 -26.21 -7.17 12.90
CA ARG B 34 -26.43 -5.87 13.51
C ARG B 34 -25.17 -5.34 14.18
N TYR B 35 -24.42 -6.24 14.83
CA TYR B 35 -23.13 -5.90 15.42
C TYR B 35 -22.17 -5.38 14.34
N PHE B 36 -22.09 -6.10 13.23
CA PHE B 36 -21.24 -5.69 12.11
C PHE B 36 -21.62 -4.31 11.61
N LYS B 37 -22.91 -4.10 11.38
CA LYS B 37 -23.43 -2.81 10.95
C LYS B 37 -23.05 -1.70 11.94
N ASP B 38 -23.35 -1.91 13.21
CA ASP B 38 -23.09 -0.89 14.24
C ASP B 38 -21.62 -0.54 14.43
N VAL B 39 -20.78 -1.57 14.50
CA VAL B 39 -19.34 -1.37 14.73
C VAL B 39 -18.68 -0.71 13.52
N THR B 40 -19.02 -1.15 12.32
CA THR B 40 -18.39 -0.56 11.13
C THR B 40 -18.95 0.84 10.80
N THR B 41 -20.16 1.14 11.27
CA THR B 41 -20.80 2.44 11.02
C THR B 41 -20.45 3.51 12.06
N ARG B 42 -20.49 3.15 13.34
CA ARG B 42 -20.36 4.15 14.41
C ARG B 42 -19.01 4.88 14.42
N THR B 43 -19.07 6.16 14.76
CA THR B 43 -17.90 7.00 14.85
C THR B 43 -17.92 7.74 16.18
N THR B 44 -16.83 8.41 16.53
CA THR B 44 -16.78 9.11 17.82
C THR B 44 -17.66 10.38 17.83
N LYS B 45 -17.83 11.00 16.66
CA LYS B 45 -18.65 12.22 16.54
C LYS B 45 -19.54 12.22 15.30
N PRO B 46 -20.62 13.04 15.30
CA PRO B 46 -21.59 13.02 14.21
C PRO B 46 -21.01 13.60 12.92
N ASN B 47 -21.59 13.21 11.78
CA ASN B 47 -21.19 13.73 10.48
C ASN B 47 -19.73 13.38 10.13
N THR B 48 -19.30 12.21 10.58
CA THR B 48 -18.05 11.60 10.13
C THR B 48 -18.40 10.16 9.75
N ARG B 49 -17.48 9.47 9.10
CA ARG B 49 -17.74 8.08 8.72
C ARG B 49 -16.46 7.25 8.67
N ASN B 50 -16.66 5.94 8.62
CA ASN B 50 -15.59 4.97 8.41
C ASN B 50 -15.57 4.48 6.96
N ALA B 51 -14.47 3.83 6.59
CA ALA B 51 -14.42 3.10 5.33
C ALA B 51 -14.46 1.60 5.57
N VAL B 52 -15.05 0.89 4.61
CA VAL B 52 -14.93 -0.55 4.54
C VAL B 52 -14.25 -0.93 3.24
N ILE B 53 -13.24 -1.79 3.33
CA ILE B 53 -12.50 -2.29 2.17
C ILE B 53 -12.83 -3.77 1.98
N MET B 54 -13.13 -4.17 0.75
CA MET B 54 -13.46 -5.57 0.48
C MET B 54 -13.03 -6.00 -0.91
N GLY B 55 -12.94 -7.32 -1.12
CA GLY B 55 -12.66 -7.87 -2.44
C GLY B 55 -13.87 -7.86 -3.34
N ARG B 56 -13.65 -7.89 -4.66
CA ARG B 56 -14.75 -7.86 -5.61
C ARG B 56 -15.78 -8.97 -5.38
N LYS B 57 -15.31 -10.17 -5.07
CA LYS B 57 -16.22 -11.31 -4.88
C LYS B 57 -17.16 -11.08 -3.70
N THR B 58 -16.63 -10.54 -2.61
CA THR B 58 -17.46 -10.19 -1.44
C THR B 58 -18.45 -9.07 -1.77
N TRP B 59 -17.99 -8.06 -2.51
CA TRP B 59 -18.88 -6.99 -2.98
C TRP B 59 -20.04 -7.55 -3.75
N GLU B 60 -19.76 -8.49 -4.65
CA GLU B 60 -20.80 -9.07 -5.49
C GLU B 60 -21.77 -9.95 -4.70
N SER B 61 -21.30 -10.48 -3.57
CA SER B 61 -22.14 -11.30 -2.67
C SER B 61 -23.22 -10.50 -1.94
N ILE B 62 -23.05 -9.18 -1.85
CA ILE B 62 -24.08 -8.30 -1.28
C ILE B 62 -25.11 -8.06 -2.39
N PRO B 63 -26.38 -8.39 -2.14
CA PRO B 63 -27.38 -8.12 -3.18
C PRO B 63 -27.33 -6.65 -3.61
N GLN B 64 -27.47 -6.41 -4.91
CA GLN B 64 -27.23 -5.06 -5.47
C GLN B 64 -28.06 -3.94 -4.83
N LYS B 65 -29.26 -4.26 -4.35
CA LYS B 65 -30.11 -3.24 -3.70
C LYS B 65 -29.64 -2.90 -2.28
N PHE B 66 -28.73 -3.71 -1.74
CA PHE B 66 -28.24 -3.50 -0.39
C PHE B 66 -26.81 -2.99 -0.37
N ARG B 67 -26.26 -2.69 -1.55
CA ARG B 67 -24.96 -2.03 -1.63
C ARG B 67 -25.10 -0.69 -2.34
N PRO B 68 -24.22 0.28 -2.03
CA PRO B 68 -23.13 0.18 -1.05
C PRO B 68 -23.69 0.06 0.37
N LEU B 69 -22.92 -0.53 1.27
CA LEU B 69 -23.31 -0.61 2.67
C LEU B 69 -23.46 0.82 3.17
N PRO B 70 -24.65 1.17 3.69
CA PRO B 70 -25.00 2.55 4.00
C PRO B 70 -24.13 3.17 5.09
N ASP B 71 -23.87 4.48 4.96
CA ASP B 71 -23.23 5.29 6.00
C ASP B 71 -21.72 5.04 6.14
N ARG B 72 -21.16 4.27 5.22
CA ARG B 72 -19.72 4.01 5.18
C ARG B 72 -19.21 4.22 3.77
N LEU B 73 -17.95 4.62 3.66
CA LEU B 73 -17.27 4.66 2.36
C LEU B 73 -16.94 3.22 1.97
N ASN B 74 -17.43 2.76 0.82
CA ASN B 74 -17.18 1.39 0.35
C ASN B 74 -16.05 1.38 -0.67
N ILE B 75 -14.99 0.62 -0.41
CA ILE B 75 -13.87 0.51 -1.34
C ILE B 75 -13.75 -0.93 -1.79
N ILE B 76 -13.73 -1.14 -3.12
CA ILE B 76 -13.74 -2.48 -3.71
C ILE B 76 -12.49 -2.76 -4.51
N LEU B 77 -11.88 -3.92 -4.23
CA LEU B 77 -10.62 -4.31 -4.85
C LEU B 77 -10.79 -5.27 -6.01
N SER B 78 -10.19 -4.92 -7.15
CA SER B 78 -10.05 -5.86 -8.26
C SER B 78 -8.75 -5.58 -8.99
N ARG B 79 -8.09 -6.65 -9.43
CA ARG B 79 -6.87 -6.49 -10.21
C ARG B 79 -7.13 -5.97 -11.63
N SER B 80 -8.41 -5.92 -12.02
CA SER B 80 -8.84 -5.35 -13.31
C SER B 80 -9.46 -3.96 -13.19
N TYR B 81 -9.42 -3.37 -12.00
CA TYR B 81 -9.90 -2.00 -11.81
C TYR B 81 -8.77 -0.98 -12.01
N GLU B 82 -9.16 0.26 -12.28
CA GLU B 82 -8.27 1.40 -12.08
C GLU B 82 -8.76 2.11 -10.83
N ASN B 83 -7.86 2.77 -10.10
CA ASN B 83 -8.29 3.58 -8.95
C ASN B 83 -9.28 4.63 -9.45
N GLU B 84 -10.48 4.61 -8.90
CA GLU B 84 -11.55 5.46 -9.41
C GLU B 84 -12.58 5.75 -8.32
N ILE B 85 -12.93 7.03 -8.17
CA ILE B 85 -14.04 7.39 -7.31
C ILE B 85 -15.31 7.26 -8.14
N ILE B 86 -16.12 6.25 -7.85
CA ILE B 86 -17.38 6.08 -8.58
C ILE B 86 -18.39 7.13 -8.12
N ASP B 87 -18.63 7.20 -6.80
CA ASP B 87 -19.41 8.27 -6.20
C ASP B 87 -18.94 8.49 -4.76
N ASP B 88 -19.68 9.27 -3.99
CA ASP B 88 -19.23 9.59 -2.63
C ASP B 88 -19.17 8.37 -1.71
N ASN B 89 -19.86 7.30 -2.10
CA ASN B 89 -19.94 6.09 -1.30
C ASN B 89 -19.16 4.90 -1.84
N ILE B 90 -18.69 4.99 -3.09
CA ILE B 90 -18.08 3.85 -3.78
C ILE B 90 -16.76 4.24 -4.46
N ILE B 91 -15.71 3.49 -4.14
CA ILE B 91 -14.40 3.67 -4.76
C ILE B 91 -13.91 2.32 -5.26
N HIS B 92 -13.31 2.32 -6.45
CA HIS B 92 -12.61 1.17 -6.97
C HIS B 92 -11.14 1.32 -6.71
N ALA B 93 -10.51 0.24 -6.23
CA ALA B 93 -9.06 0.25 -5.99
C ALA B 93 -8.39 -0.91 -6.74
N SER B 94 -7.21 -0.65 -7.30
CA SER B 94 -6.49 -1.64 -8.10
C SER B 94 -5.44 -2.43 -7.30
N SER B 95 -5.19 -2.01 -6.06
CA SER B 95 -4.17 -2.65 -5.23
C SER B 95 -4.48 -2.39 -3.76
N ILE B 96 -3.96 -3.25 -2.90
CA ILE B 96 -4.14 -3.08 -1.45
C ILE B 96 -3.51 -1.77 -0.99
N GLU B 97 -2.31 -1.49 -1.47
CA GLU B 97 -1.62 -0.24 -1.14
C GLU B 97 -2.48 0.97 -1.52
N SER B 98 -3.11 0.93 -2.68
CA SER B 98 -3.99 2.02 -3.11
C SER B 98 -5.24 2.16 -2.24
N SER B 99 -5.85 1.03 -1.85
CA SER B 99 -7.07 1.07 -1.03
C SER B 99 -6.79 1.77 0.30
N LEU B 100 -5.60 1.55 0.84
CA LEU B 100 -5.23 2.14 2.11
C LEU B 100 -4.72 3.59 1.96
N ASN B 101 -4.69 4.06 0.71
CA ASN B 101 -4.44 5.46 0.39
C ASN B 101 -5.68 6.18 -0.10
N LEU B 102 -6.83 5.50 -0.02
CA LEU B 102 -8.12 6.06 -0.42
C LEU B 102 -9.03 6.32 0.79
N VAL B 103 -8.40 6.43 1.97
CA VAL B 103 -9.12 6.52 3.24
C VAL B 103 -8.82 7.82 4.02
N SER B 104 -8.35 8.84 3.34
CA SER B 104 -8.01 10.12 3.99
C SER B 104 -9.20 10.86 4.60
N ASP B 105 -10.41 10.55 4.15
CA ASP B 105 -11.63 11.24 4.60
C ASP B 105 -12.43 10.50 5.67
N VAL B 106 -11.88 9.43 6.23
CA VAL B 106 -12.63 8.60 7.18
C VAL B 106 -11.94 8.50 8.53
N GLU B 107 -12.68 8.06 9.55
CA GLU B 107 -12.10 7.88 10.88
C GLU B 107 -11.37 6.54 11.01
N ARG B 108 -12.12 5.45 10.92
CA ARG B 108 -11.54 4.11 10.97
C ARG B 108 -11.70 3.41 9.62
N VAL B 109 -10.90 2.37 9.42
CA VAL B 109 -10.94 1.56 8.21
C VAL B 109 -11.13 0.11 8.62
N PHE B 110 -12.15 -0.54 8.06
CA PHE B 110 -12.44 -1.94 8.37
C PHE B 110 -12.24 -2.79 7.12
N ILE B 111 -11.45 -3.84 7.25
CA ILE B 111 -11.28 -4.84 6.19
C ILE B 111 -12.38 -5.87 6.39
N ILE B 112 -13.31 -5.98 5.44
CA ILE B 112 -14.53 -6.75 5.68
C ILE B 112 -14.66 -8.03 4.84
N GLY B 113 -13.58 -8.45 4.20
CA GLY B 113 -13.57 -9.74 3.50
C GLY B 113 -13.22 -9.58 2.03
N GLY B 114 -13.10 -10.69 1.30
CA GLY B 114 -13.24 -12.04 1.83
C GLY B 114 -11.91 -12.70 2.16
N ALA B 115 -11.85 -14.03 1.98
CA ALA B 115 -10.70 -14.84 2.37
C ALA B 115 -9.35 -14.37 1.77
N GLU B 116 -9.30 -14.12 0.46
CA GLU B 116 -8.07 -13.65 -0.16
C GLU B 116 -7.61 -12.34 0.45
N ILE B 117 -8.56 -11.41 0.62
CA ILE B 117 -8.26 -10.08 1.17
C ILE B 117 -7.74 -10.20 2.61
N TYR B 118 -8.44 -10.97 3.44
CA TYR B 118 -7.98 -11.21 4.82
C TYR B 118 -6.58 -11.80 4.84
N ASN B 119 -6.33 -12.75 3.95
CA ASN B 119 -5.01 -13.40 3.89
C ASN B 119 -3.90 -12.46 3.46
N GLU B 120 -4.23 -11.48 2.63
CA GLU B 120 -3.26 -10.50 2.19
C GLU B 120 -3.07 -9.39 3.24
N LEU B 121 -4.09 -9.16 4.06
CA LEU B 121 -4.06 -8.04 5.01
C LEU B 121 -3.56 -8.41 6.41
N ILE B 122 -3.64 -9.69 6.76
CA ILE B 122 -3.30 -10.15 8.12
C ILE B 122 -1.88 -9.75 8.57
N ASN B 123 -0.92 -9.73 7.65
CA ASN B 123 0.46 -9.37 7.99
C ASN B 123 0.83 -7.92 7.63
N ASN B 124 -0.16 -7.14 7.18
CA ASN B 124 0.04 -5.72 6.94
C ASN B 124 0.12 -4.98 8.28
N SER B 125 1.23 -4.27 8.52
CA SER B 125 1.42 -3.60 9.82
C SER B 125 0.36 -2.54 10.14
N LEU B 126 -0.38 -2.08 9.13
CA LEU B 126 -1.43 -1.10 9.36
C LEU B 126 -2.63 -1.71 10.08
N VAL B 127 -2.82 -3.01 9.91
CA VAL B 127 -3.87 -3.72 10.63
C VAL B 127 -3.40 -3.94 12.07
N SER B 128 -4.08 -3.31 13.02
CA SER B 128 -3.69 -3.40 14.43
C SER B 128 -4.72 -4.12 15.31
N HIS B 129 -5.85 -4.50 14.70
CA HIS B 129 -6.91 -5.21 15.41
C HIS B 129 -7.51 -6.29 14.56
N LEU B 130 -7.83 -7.42 15.19
CA LEU B 130 -8.75 -8.38 14.61
C LEU B 130 -10.01 -8.39 15.46
N LEU B 131 -11.14 -8.10 14.83
CA LEU B 131 -12.43 -8.20 15.49
C LEU B 131 -13.04 -9.48 14.96
N ILE B 132 -12.93 -10.54 15.75
CA ILE B 132 -13.38 -11.87 15.31
C ILE B 132 -14.60 -12.30 16.11
N THR B 133 -15.71 -12.54 15.41
CA THR B 133 -16.85 -13.19 16.05
C THR B 133 -16.57 -14.68 16.01
N GLU B 134 -16.32 -15.25 17.18
CA GLU B 134 -16.04 -16.66 17.32
C GLU B 134 -17.34 -17.44 17.45
N ILE B 135 -17.63 -18.23 16.43
CA ILE B 135 -18.86 -19.01 16.41
C ILE B 135 -18.56 -20.47 16.74
N GLU B 136 -19.44 -21.06 17.56
CA GLU B 136 -19.41 -22.47 17.91
C GLU B 136 -20.71 -23.17 17.53
N HIS B 137 -20.62 -24.48 17.34
CA HIS B 137 -21.74 -25.30 16.84
C HIS B 137 -21.52 -26.67 17.44
N PRO B 138 -22.61 -27.38 17.79
CA PRO B 138 -22.43 -28.74 18.33
C PRO B 138 -21.89 -29.72 17.30
N SER B 139 -22.16 -29.45 16.02
CA SER B 139 -21.72 -30.30 14.92
CA SER B 139 -21.71 -30.29 14.92
C SER B 139 -21.23 -29.43 13.75
N PRO B 140 -20.04 -28.81 13.89
CA PRO B 140 -19.57 -27.87 12.86
C PRO B 140 -19.29 -28.52 11.50
N GLU B 141 -19.08 -29.84 11.50
CA GLU B 141 -18.87 -30.60 10.27
C GLU B 141 -20.13 -30.70 9.39
N SER B 142 -21.30 -30.46 9.99
CA SER B 142 -22.56 -30.44 9.24
C SER B 142 -22.76 -29.12 8.48
N ILE B 143 -21.86 -28.17 8.70
CA ILE B 143 -21.86 -26.90 8.00
C ILE B 143 -20.91 -26.98 6.80
N GLU B 144 -21.48 -26.95 5.59
CA GLU B 144 -20.67 -26.98 4.38
C GLU B 144 -19.74 -25.76 4.33
N MET B 145 -18.46 -26.00 4.08
CA MET B 145 -17.43 -24.97 4.20
C MET B 145 -16.31 -25.20 3.19
N ASP B 146 -15.91 -24.14 2.49
CA ASP B 146 -14.81 -24.23 1.51
C ASP B 146 -13.74 -23.14 1.64
N THR B 147 -14.05 -22.05 2.34
CA THR B 147 -13.06 -20.98 2.57
C THR B 147 -12.83 -20.72 4.06
N PHE B 148 -11.56 -20.55 4.41
CA PHE B 148 -11.14 -20.50 5.81
C PHE B 148 -10.19 -19.33 6.06
N LEU B 149 -10.02 -18.98 7.33
CA LEU B 149 -9.01 -18.00 7.72
C LEU B 149 -7.67 -18.68 7.94
N LYS B 150 -6.62 -18.05 7.41
CA LYS B 150 -5.25 -18.48 7.64
C LYS B 150 -4.53 -17.41 8.44
N PHE B 151 -4.93 -17.26 9.70
CA PHE B 151 -4.32 -16.27 10.59
C PHE B 151 -3.32 -16.93 11.55
N PRO B 152 -2.14 -16.32 11.70
CA PRO B 152 -1.18 -16.84 12.70
C PRO B 152 -1.55 -16.33 14.09
N LEU B 153 -2.60 -16.92 14.67
CA LEU B 153 -3.13 -16.39 15.94
C LEU B 153 -2.18 -16.50 17.13
N GLU B 154 -1.14 -17.32 17.00
CA GLU B 154 -0.07 -17.39 18.00
C GLU B 154 0.71 -16.08 18.09
N SER B 155 0.56 -15.24 17.07
CA SER B 155 1.22 -13.93 17.01
C SER B 155 0.27 -12.79 17.37
N TRP B 156 -0.93 -13.16 17.83
CA TRP B 156 -1.94 -12.20 18.27
C TRP B 156 -2.40 -12.50 19.67
N THR B 157 -2.95 -11.50 20.35
CA THR B 157 -3.43 -11.67 21.72
C THR B 157 -4.91 -11.32 21.81
N LYS B 158 -5.74 -12.26 22.24
CA LYS B 158 -7.15 -11.96 22.48
C LYS B 158 -7.27 -11.17 23.78
N GLN B 159 -7.81 -9.96 23.66
CA GLN B 159 -7.90 -9.02 24.78
C GLN B 159 -9.15 -9.30 25.60
N PRO B 160 -9.19 -8.82 26.86
CA PRO B 160 -10.39 -8.98 27.68
C PRO B 160 -11.56 -8.23 27.08
N LYS B 161 -12.78 -8.63 27.44
CA LYS B 161 -13.98 -7.97 26.97
C LYS B 161 -13.96 -6.45 27.14
N SER B 162 -13.37 -5.99 28.24
CA SER B 162 -13.27 -4.56 28.52
C SER B 162 -12.59 -3.78 27.40
N GLU B 163 -11.58 -4.37 26.76
CA GLU B 163 -10.87 -3.75 25.64
C GLU B 163 -11.76 -3.67 24.39
N LEU B 164 -12.53 -4.72 24.16
CA LEU B 164 -13.52 -4.69 23.08
C LEU B 164 -14.58 -3.62 23.35
N GLN B 165 -15.08 -3.54 24.57
CA GLN B 165 -16.08 -2.54 24.94
C GLN B 165 -15.58 -1.13 24.67
N LYS B 166 -14.29 -0.90 24.95
CA LYS B 166 -13.66 0.39 24.72
C LYS B 166 -13.66 0.70 23.22
N PHE B 167 -13.30 -0.30 22.41
CA PHE B 167 -13.25 -0.12 20.97
C PHE B 167 -14.63 0.22 20.40
N VAL B 168 -15.65 -0.50 20.87
CA VAL B 168 -16.99 -0.36 20.31
C VAL B 168 -17.89 0.71 20.97
N GLY B 169 -17.36 1.40 21.96
CA GLY B 169 -18.10 2.50 22.60
C GLY B 169 -19.32 1.99 23.35
N ASP B 170 -20.49 2.50 23.01
CA ASP B 170 -21.73 2.13 23.72
C ASP B 170 -22.47 0.94 23.11
N THR B 171 -21.86 0.31 22.10
CA THR B 171 -22.43 -0.89 21.50
C THR B 171 -22.59 -1.98 22.56
N VAL B 172 -23.79 -2.55 22.62
CA VAL B 172 -24.11 -3.60 23.59
C VAL B 172 -23.45 -4.92 23.17
N LEU B 173 -22.69 -5.52 24.10
CA LEU B 173 -22.00 -6.78 23.86
C LEU B 173 -22.54 -7.88 24.76
N GLU B 174 -23.41 -8.72 24.20
CA GLU B 174 -23.95 -9.86 24.94
C GLU B 174 -23.06 -11.08 24.78
N ASP B 175 -22.86 -11.82 25.87
CA ASP B 175 -22.08 -13.06 25.85
C ASP B 175 -22.90 -14.20 25.28
N ASP B 176 -22.21 -15.11 24.57
CA ASP B 176 -22.76 -16.42 24.23
C ASP B 176 -24.16 -16.34 23.60
N ILE B 177 -24.22 -15.58 22.51
CA ILE B 177 -25.48 -15.36 21.78
C ILE B 177 -25.82 -16.62 21.00
N LYS B 178 -27.08 -17.03 21.08
CA LYS B 178 -27.55 -18.23 20.39
C LYS B 178 -28.49 -17.89 19.26
N GLU B 179 -28.30 -18.56 18.12
CA GLU B 179 -29.32 -18.57 17.08
C GLU B 179 -29.23 -19.93 16.41
N GLY B 180 -30.33 -20.67 16.47
CA GLY B 180 -30.34 -22.06 16.04
C GLY B 180 -29.28 -22.84 16.80
N ASP B 181 -28.44 -23.55 16.06
CA ASP B 181 -27.34 -24.32 16.64
C ASP B 181 -26.05 -23.53 16.86
N PHE B 182 -26.04 -22.25 16.48
CA PHE B 182 -24.85 -21.44 16.66
C PHE B 182 -24.85 -20.72 18.01
N THR B 183 -23.69 -20.67 18.64
CA THR B 183 -23.48 -19.87 19.85
C THR B 183 -22.22 -19.05 19.59
N TYR B 184 -22.30 -17.73 19.78
CA TYR B 184 -21.17 -16.90 19.40
C TYR B 184 -20.84 -15.75 20.35
N ASN B 185 -19.58 -15.31 20.25
CA ASN B 185 -19.05 -14.21 21.07
C ASN B 185 -18.22 -13.28 20.21
N TYR B 186 -18.30 -11.99 20.52
CA TYR B 186 -17.49 -10.99 19.87
C TYR B 186 -16.15 -10.89 20.57
N THR B 187 -15.06 -10.83 19.80
CA THR B 187 -13.72 -10.76 20.39
C THR B 187 -12.84 -9.72 19.71
N LEU B 188 -11.83 -9.26 20.45
CA LEU B 188 -10.84 -8.30 19.94
C LEU B 188 -9.42 -8.86 20.15
N TRP B 189 -8.59 -8.75 19.11
CA TRP B 189 -7.21 -9.26 19.15
C TRP B 189 -6.24 -8.16 18.78
N THR B 190 -5.10 -8.12 19.45
CA THR B 190 -4.04 -7.17 19.09
C THR B 190 -2.75 -7.96 18.83
N ARG B 191 -1.81 -7.34 18.11
CA ARG B 191 -0.55 -8.00 17.75
C ARG B 191 0.39 -8.16 18.93
N LYS B 192 0.97 -9.35 19.07
CA LYS B 192 2.01 -9.59 20.08
C LYS B 192 3.26 -8.77 19.80
PA NDP C . 16.16 18.47 -5.69
O1A NDP C . 15.47 17.60 -4.65
O2A NDP C . 16.44 17.91 -7.06
O5B NDP C . 15.32 19.82 -5.91
C5B NDP C . 14.87 20.56 -4.78
C4B NDP C . 13.84 21.50 -5.35
O4B NDP C . 12.65 20.79 -5.64
C3B NDP C . 13.44 22.61 -4.39
O3B NDP C . 14.41 23.64 -4.37
C2B NDP C . 12.09 22.99 -4.97
O2B NDP C . 12.21 23.77 -6.16
C1B NDP C . 11.53 21.64 -5.38
N9A NDP C . 10.73 21.06 -4.26
C8A NDP C . 11.19 20.42 -3.17
N7A NDP C . 10.16 20.06 -2.36
C5A NDP C . 9.02 20.49 -2.94
C6A NDP C . 7.58 20.45 -2.62
N6A NDP C . 7.12 19.86 -1.49
N1A NDP C . 6.74 21.03 -3.51
C2A NDP C . 7.18 21.63 -4.64
N3A NDP C . 8.47 21.70 -4.99
C4A NDP C . 9.42 21.16 -4.19
O3 NDP C . 17.49 19.16 -5.11
PN NDP C . 18.62 18.65 -4.10
O1N NDP C . 19.72 19.68 -4.22
O2N NDP C . 18.02 18.34 -2.74
O5D NDP C . 19.18 17.28 -4.72
C5D NDP C . 20.08 17.33 -5.82
C4D NDP C . 21.25 16.42 -5.48
O4D NDP C . 20.78 15.06 -5.47
C3D NDP C . 22.35 16.52 -6.52
O3D NDP C . 23.61 16.41 -5.85
C2D NDP C . 22.09 15.30 -7.38
O2D NDP C . 23.27 14.86 -8.07
C1D NDP C . 21.61 14.30 -6.35
N1N NDP C . 20.92 13.15 -6.95
C2N NDP C . 21.41 11.93 -6.70
C3N NDP C . 20.82 10.80 -7.26
C7N NDP C . 21.40 9.45 -6.95
O7N NDP C . 20.74 8.46 -7.24
N7N NDP C . 22.61 9.37 -6.40
C4N NDP C . 19.70 10.93 -8.07
C5N NDP C . 19.21 12.22 -8.32
C6N NDP C . 19.84 13.31 -7.74
P2B NDP C . 12.22 25.39 -6.20
O1X NDP C . 13.51 25.77 -5.50
O2X NDP C . 12.21 25.68 -7.67
O3X NDP C . 10.97 25.78 -5.46
CAB 18H D . 21.47 7.30 -12.19
C6 18H D . 20.45 7.02 -11.27
N1 18H D . 20.43 5.81 -10.70
C2 18H D . 19.48 5.47 -9.81
NAD 18H D . 19.50 4.24 -9.28
N3 18H D . 18.52 6.33 -9.46
C4 18H D . 18.49 7.56 -10.01
NAE 18H D . 17.55 8.45 -9.69
C5 18H D . 19.47 7.94 -10.94
CAF 18H D . 19.42 9.25 -11.50
CAG 18H D . 19.37 10.34 -11.96
CBA 18H D . 19.29 11.71 -12.53
CAC 18H D . 17.82 12.17 -12.64
CAZ 18H D . 19.99 11.93 -13.75
CAY 18H D . 19.92 11.08 -14.86
CAY 18H D . 20.83 13.03 -13.87
CAO 18H D . 20.60 11.33 -16.03
CAO 18H D . 21.54 13.30 -15.04
OAR 18H D . 19.18 9.96 -14.83
OAR 18H D . 20.93 13.80 -12.74
CAA 18H D . 19.25 9.60 -16.22
CAA 18H D . 20.63 15.16 -13.02
CAN 18H D . 20.77 13.07 -13.87
CAN 18H D . 19.83 11.08 -14.86
CAM 18H D . 21.47 13.33 -15.06
CAM 18H D . 20.53 11.36 -16.03
CAW 18H D . 21.39 12.46 -16.13
CAV 18H D . 22.07 12.69 -17.35
CAK 18H D . 21.44 12.29 -18.54
CAI 18H D . 22.07 12.50 -19.78
CAH 18H D . 23.31 13.10 -19.82
CAJ 18H D . 23.94 13.50 -18.64
CAL 18H D . 23.32 13.30 -17.39
N GLY E . 4.70 2.79 -9.84
CA GLY E . 5.91 2.11 -9.35
C GLY E . 5.58 0.86 -8.56
O GLY E . 5.69 0.85 -7.34
OXT GLY E . 5.19 -0.16 -9.14
C1 GOL F . 22.19 -5.33 -17.50
O1 GOL F . 20.81 -5.19 -17.15
C2 GOL F . 22.35 -5.41 -19.02
O2 GOL F . 21.71 -6.59 -19.52
C3 GOL F . 21.73 -4.17 -19.67
O3 GOL F . 21.89 -4.24 -21.09
C1 GOL G . 19.18 25.73 -16.32
O1 GOL G . 17.88 25.37 -16.81
C2 GOL G . 20.26 25.04 -17.15
O2 GOL G . 20.30 23.64 -16.84
C3 GOL G . 20.01 25.23 -18.64
O3 GOL G . 21.24 25.07 -19.35
C1 GOL H . 3.75 28.77 -14.10
O1 GOL H . 4.02 28.57 -12.72
C2 GOL H . 4.86 28.15 -14.93
O2 GOL H . 6.15 28.70 -14.61
C3 GOL H . 4.86 26.64 -14.67
O3 GOL H . 5.36 26.03 -15.84
PA NDP I . -12.70 -11.88 -1.96
O1A NDP I . -11.47 -11.83 -1.07
O2A NDP I . -13.96 -11.22 -1.52
O5B NDP I . -12.30 -11.25 -3.38
C5B NDP I . -11.15 -11.68 -4.09
C4B NDP I . -11.01 -10.76 -5.27
O4B NDP I . -10.59 -9.46 -4.86
C3B NDP I . -9.98 -11.23 -6.26
O3B NDP I . -10.52 -12.21 -7.15
C2B NDP I . -9.57 -9.92 -6.92
O2B NDP I . -10.56 -9.52 -7.87
C1B NDP I . -9.62 -8.93 -5.77
N9A NDP I . -8.28 -8.82 -5.13
C8A NDP I . -7.73 -9.67 -4.24
N7A NDP I . -6.49 -9.26 -3.89
C5A NDP I . -6.22 -8.13 -4.58
C6A NDP I . -5.08 -7.19 -4.71
N6A NDP I . -3.93 -7.36 -3.98
N1A NDP I . -5.23 -6.15 -5.54
C2A NDP I . -6.36 -5.94 -6.26
N3A NDP I . -7.42 -6.76 -6.21
C4A NDP I . -7.41 -7.85 -5.40
O3 NDP I . -13.03 -13.38 -2.43
PN NDP I . -12.81 -14.81 -1.70
O1N NDP I . -13.36 -15.81 -2.70
O2N NDP I . -11.41 -14.98 -1.17
O5D NDP I . -13.77 -14.80 -0.43
C5D NDP I . -15.18 -14.65 -0.56
C4D NDP I . -15.79 -15.52 0.52
O4D NDP I . -15.54 -14.96 1.82
C3D NDP I . -17.30 -15.64 0.37
O3D NDP I . -17.67 -17.00 0.65
C2D NDP I . -17.83 -14.70 1.44
O2D NDP I . -19.13 -15.04 1.90
C1D NDP I . -16.78 -14.86 2.53
N1N NDP I . -16.85 -13.78 3.52
C2N NDP I . -17.07 -14.13 4.79
C3N NDP I . -17.16 -13.19 5.82
C7N NDP I . -17.41 -13.63 7.23
O7N NDP I . -17.34 -12.82 8.14
N7N NDP I . -17.72 -14.92 7.46
C4N NDP I . -17.05 -11.83 5.47
C5N NDP I . -16.83 -11.49 4.13
C6N NDP I . -16.74 -12.48 3.17
P2B NDP I . -10.43 -9.82 -9.45
O1X NDP I . -10.76 -11.29 -9.53
O2X NDP I . -11.49 -8.95 -10.08
O3X NDP I . -9.02 -9.44 -9.81
CAB 18H J . -21.58 -9.96 8.59
C6 18H J . -20.22 -9.78 8.93
N1 18H J . -19.85 -9.96 10.20
C2 18H J . -18.57 -9.79 10.60
NAD 18H J . -18.25 -9.98 11.87
N3 18H J . -17.63 -9.42 9.72
C4 18H J . -17.94 -9.22 8.43
NAE 18H J . -17.01 -8.86 7.56
C5 18H J . -19.26 -9.38 7.99
CAF 18H J . -19.63 -9.16 6.56
CAG 18H J . -19.92 -8.97 5.37
CBA 18H J . -20.27 -8.74 3.92
CAC 18H J . -19.82 -7.38 3.43
CAZ 18H J . -21.64 -8.98 3.63
CAY 18H J . -22.73 -8.33 4.24
CAO 18H J . -24.04 -8.65 3.87
OAR 18H J . -22.49 -7.40 5.22
CAA 18H J . -23.67 -6.67 5.58
CAN 18H J . -21.91 -9.92 2.65
CAM 18H J . -23.21 -10.25 2.27
CAW 18H J . -24.28 -9.60 2.87
CAV 18H J . -25.61 -9.94 2.53
CAK 18H J . -26.65 -9.01 2.69
CAI 18H J . -27.96 -9.38 2.36
CAH 18H J . -28.24 -10.66 1.89
CAJ 18H J . -27.20 -11.59 1.74
CAL 18H J . -25.90 -11.23 2.06
C1 GOL K . -12.93 10.08 -1.45
O1 GOL K . -13.70 11.27 -1.57
C2 GOL K . -11.45 10.46 -1.47
O2 GOL K . -11.02 10.70 -0.11
C3 GOL K . -10.63 9.33 -2.06
O3 GOL K . -9.24 9.62 -1.97
#